data_5PH6
#
_entry.id   5PH6
#
_cell.length_a   71.208
_cell.length_b   71.208
_cell.length_c   150.120
_cell.angle_alpha   90.000
_cell.angle_beta   90.000
_cell.angle_gamma   90.000
#
_symmetry.space_group_name_H-M   'P 43 21 2'
#
loop_
_entity.id
_entity.type
_entity.pdbx_description
1 polymer 'Lysine-specific demethylase 4D'
2 non-polymer 'ZINC ION'
3 non-polymer 'NICKEL (II) ION'
4 non-polymer N-OXALYLGLYCINE
5 non-polymer 1,2-ETHANEDIOL
6 non-polymer 'SULFATE ION'
7 non-polymer ISATIN
8 water water
#
_entity_poly.entity_id   1
_entity_poly.type   'polypeptide(L)'
_entity_poly.pdbx_seq_one_letter_code
;MHHHHHHSSGVDLGTENLYFQSMETMKSKANCAQNPNCNIMIFHPTKEEFNDFDKYIAYMESQGAHRAGLAKIIPPKEWK
ARETYDNISEILIATPLQQVASGRAGVFTQYHKKKKAMTVGEYRHLANSKKYQTPPHQNFEDLERKYWKNRIYNSPIYGA
DISGSLFDENTKQWNLGHLGTIQDLLEKECGVVIEGVNTPYLYFGMWKTTFAWHTEDMDLYSINYLHLGEPKTWYVVPPE
HGQRLERLARELFPGSSRGCGAFLRHKVALISPTVLKENGIPFNRITQEAGEFMVTFPYGYHAGFNHGFNCAEAINFATP
RWIDYGKMASQCSCGEARVTFSMDAFVRILQPERYDLWKRGQDR
;
_entity_poly.pdbx_strand_id   A
#
loop_
_chem_comp.id
_chem_comp.type
_chem_comp.name
_chem_comp.formula
EDO non-polymer 1,2-ETHANEDIOL 'C2 H6 O2'
ISN non-polymer ISATIN 'C8 H5 N O2'
NI non-polymer 'NICKEL (II) ION' 'Ni 2'
OGA non-polymer N-OXALYLGLYCINE 'C4 H5 N O5'
SO4 non-polymer 'SULFATE ION' 'O4 S -2'
ZN non-polymer 'ZINC ION' 'Zn 2'
#
# COMPACT_ATOMS: atom_id res chain seq x y z
N ALA A 33 -15.79 -22.76 5.84
CA ALA A 33 -14.97 -21.65 5.38
C ALA A 33 -14.15 -21.07 6.54
N GLN A 34 -12.84 -20.97 6.33
CA GLN A 34 -11.95 -20.46 7.37
C GLN A 34 -12.04 -18.94 7.51
N ASN A 35 -11.91 -18.48 8.74
CA ASN A 35 -11.98 -17.04 9.06
C ASN A 35 -13.20 -16.31 8.48
N PRO A 36 -14.42 -16.78 8.79
CA PRO A 36 -15.61 -16.19 8.16
C PRO A 36 -15.90 -14.74 8.56
N ASN A 37 -15.45 -14.33 9.74
CA ASN A 37 -15.65 -12.96 10.18
C ASN A 37 -14.61 -12.01 9.58
N CYS A 38 -13.65 -12.56 8.81
CA CYS A 38 -12.64 -11.74 8.11
C CYS A 38 -11.75 -10.95 9.07
N ASN A 39 -11.37 -11.59 10.17
CA ASN A 39 -10.45 -10.99 11.13
C ASN A 39 -9.03 -10.96 10.61
N ILE A 40 -8.28 -9.93 11.01
CA ILE A 40 -6.85 -9.90 10.69
C ILE A 40 -6.13 -10.97 11.51
N MET A 41 -5.45 -11.87 10.80
CA MET A 41 -4.71 -12.95 11.46
C MET A 41 -3.23 -12.62 11.61
N ILE A 42 -2.63 -13.14 12.68
CA ILE A 42 -1.23 -12.90 13.00
C ILE A 42 -0.52 -14.24 13.01
N PHE A 43 0.58 -14.33 12.27
CA PHE A 43 1.31 -15.58 12.11
C PHE A 43 2.70 -15.52 12.72
N HIS A 44 3.13 -16.64 13.29
CA HIS A 44 4.43 -16.76 13.93
C HIS A 44 5.19 -17.94 13.34
N PRO A 45 5.67 -17.82 12.08
CA PRO A 45 6.42 -18.91 11.46
C PRO A 45 7.73 -19.26 12.19
N THR A 46 8.03 -20.56 12.23
CA THR A 46 9.34 -21.04 12.66
C THR A 46 10.35 -20.71 11.59
N LYS A 47 11.64 -20.80 11.91
CA LYS A 47 12.66 -20.53 10.91
C LYS A 47 12.56 -21.57 9.80
N GLU A 48 12.12 -22.78 10.13
CA GLU A 48 11.91 -23.80 9.11
C GLU A 48 10.78 -23.41 8.13
N GLU A 49 9.69 -22.89 8.68
CA GLU A 49 8.55 -22.48 7.85
C GLU A 49 8.85 -21.21 7.05
N PHE A 50 9.91 -20.51 7.42
CA PHE A 50 10.21 -19.18 6.88
C PHE A 50 11.09 -19.32 5.63
N ASN A 51 11.36 -20.55 5.22
CA ASN A 51 12.27 -20.78 4.10
C ASN A 51 11.60 -20.62 2.75
N ASP A 52 10.37 -21.12 2.64
CA ASP A 52 9.65 -21.13 1.38
C ASP A 52 8.54 -20.10 1.42
N PHE A 53 8.79 -18.94 0.83
CA PHE A 53 7.84 -17.84 0.85
C PHE A 53 6.47 -18.20 0.25
N ASP A 54 6.47 -18.71 -0.98
N ASP A 54 6.48 -18.73 -0.96
CA ASP A 54 5.22 -19.02 -1.67
CA ASP A 54 5.23 -19.01 -1.67
C ASP A 54 4.39 -20.01 -0.86
C ASP A 54 4.39 -20.05 -0.92
N LYS A 55 5.08 -20.99 -0.28
CA LYS A 55 4.41 -22.03 0.47
C LYS A 55 3.76 -21.45 1.74
N TYR A 56 4.42 -20.48 2.37
CA TYR A 56 3.84 -19.91 3.58
C TYR A 56 2.66 -18.98 3.26
N ILE A 57 2.72 -18.25 2.14
CA ILE A 57 1.56 -17.46 1.74
C ILE A 57 0.37 -18.39 1.49
N ALA A 58 0.63 -19.49 0.79
CA ALA A 58 -0.40 -20.50 0.55
C ALA A 58 -0.97 -21.06 1.86
N TYR A 59 -0.11 -21.30 2.84
CA TYR A 59 -0.54 -21.77 4.15
C TYR A 59 -1.46 -20.77 4.85
N MET A 60 -1.07 -19.50 4.83
N MET A 60 -1.08 -19.50 4.84
CA MET A 60 -1.87 -18.46 5.44
CA MET A 60 -1.90 -18.46 5.46
C MET A 60 -3.27 -18.40 4.83
C MET A 60 -3.29 -18.41 4.82
N GLU A 61 -3.35 -18.53 3.50
CA GLU A 61 -4.65 -18.51 2.83
C GLU A 61 -5.47 -19.76 3.17
N SER A 62 -4.80 -20.90 3.39
CA SER A 62 -5.52 -22.12 3.77
C SER A 62 -6.22 -21.93 5.11
N GLN A 63 -5.69 -21.00 5.91
CA GLN A 63 -6.26 -20.68 7.23
C GLN A 63 -7.24 -19.51 7.17
N GLY A 64 -7.46 -18.98 5.96
CA GLY A 64 -8.43 -17.93 5.72
C GLY A 64 -7.92 -16.51 5.89
N ALA A 65 -6.59 -16.35 5.94
CA ALA A 65 -6.00 -15.04 6.23
C ALA A 65 -6.45 -13.98 5.22
N HIS A 66 -6.56 -14.38 3.95
CA HIS A 66 -6.84 -13.44 2.87
C HIS A 66 -8.20 -12.79 3.03
N ARG A 67 -9.11 -13.44 3.74
CA ARG A 67 -10.45 -12.88 3.87
C ARG A 67 -10.46 -11.52 4.57
N ALA A 68 -9.49 -11.29 5.46
CA ALA A 68 -9.37 -9.99 6.12
C ALA A 68 -8.86 -8.89 5.20
N GLY A 69 -8.09 -9.29 4.19
CA GLY A 69 -7.43 -8.33 3.31
C GLY A 69 -6.03 -7.97 3.75
N LEU A 70 -5.68 -8.36 4.98
CA LEU A 70 -4.41 -7.97 5.59
C LEU A 70 -4.02 -9.02 6.62
N ALA A 71 -2.74 -9.39 6.67
CA ALA A 71 -2.23 -10.29 7.72
C ALA A 71 -0.91 -9.76 8.27
N LYS A 72 -0.63 -10.07 9.54
CA LYS A 72 0.66 -9.75 10.15
C LYS A 72 1.49 -11.02 10.24
N ILE A 73 2.77 -10.91 9.89
CA ILE A 73 3.69 -12.03 10.06
C ILE A 73 4.87 -11.60 10.93
N ILE A 74 4.99 -12.24 12.08
CA ILE A 74 6.13 -11.98 12.96
C ILE A 74 7.24 -12.97 12.60
N PRO A 75 8.41 -12.45 12.18
CA PRO A 75 9.45 -13.38 11.74
C PRO A 75 10.03 -14.18 12.90
N PRO A 76 10.63 -15.36 12.61
CA PRO A 76 11.27 -16.16 13.64
C PRO A 76 12.27 -15.33 14.43
N LYS A 77 12.46 -15.63 15.71
CA LYS A 77 13.34 -14.84 16.55
C LYS A 77 14.79 -14.86 16.05
N GLU A 78 15.14 -15.88 15.27
CA GLU A 78 16.52 -16.03 14.80
C GLU A 78 16.81 -15.15 13.58
N TRP A 79 15.76 -14.61 12.98
CA TRP A 79 15.86 -13.91 11.70
C TRP A 79 16.19 -12.44 11.88
N LYS A 80 16.93 -11.89 10.91
CA LYS A 80 17.19 -10.46 10.87
C LYS A 80 17.20 -9.97 9.43
N ALA A 81 16.74 -8.74 9.20
CA ALA A 81 16.74 -8.20 7.84
C ALA A 81 18.15 -7.76 7.45
N ARG A 82 18.88 -7.24 8.43
CA ARG A 82 20.27 -6.83 8.24
C ARG A 82 20.91 -6.67 9.61
N GLU A 83 22.23 -6.50 9.65
CA GLU A 83 22.96 -6.43 10.91
C GLU A 83 22.56 -5.20 11.74
N THR A 84 22.73 -4.02 11.18
CA THR A 84 22.30 -2.81 11.88
C THR A 84 21.76 -1.77 10.90
N TYR A 85 21.14 -0.73 11.45
CA TYR A 85 20.64 0.37 10.63
C TYR A 85 21.50 1.61 10.85
N ASP A 86 22.74 1.39 11.28
CA ASP A 86 23.62 2.49 11.69
C ASP A 86 24.11 3.38 10.56
N ASN A 87 24.07 2.89 9.32
CA ASN A 87 24.66 3.65 8.22
C ASN A 87 23.70 4.03 7.10
N ILE A 88 22.46 4.35 7.45
CA ILE A 88 21.46 4.66 6.43
C ILE A 88 21.20 6.15 6.23
N SER A 89 21.89 7.00 6.99
CA SER A 89 21.58 8.43 6.98
C SER A 89 21.90 9.14 5.68
N GLU A 90 22.73 8.54 4.83
CA GLU A 90 23.12 9.18 3.58
C GLU A 90 22.27 8.78 2.38
N ILE A 91 21.29 7.92 2.63
CA ILE A 91 20.25 7.67 1.63
C ILE A 91 19.58 8.99 1.27
N LEU A 92 19.33 9.24 -0.01
CA LEU A 92 18.66 10.47 -0.43
C LEU A 92 17.18 10.27 -0.66
N ILE A 93 16.40 11.19 -0.11
CA ILE A 93 15.00 11.33 -0.44
C ILE A 93 14.93 12.45 -1.45
N ALA A 94 14.96 12.09 -2.73
CA ALA A 94 15.07 13.08 -3.80
C ALA A 94 13.87 14.02 -3.84
N THR A 95 12.69 13.47 -3.55
CA THR A 95 11.45 14.24 -3.62
C THR A 95 10.54 13.97 -2.42
N PRO A 96 10.88 14.57 -1.27
CA PRO A 96 10.01 14.47 -0.10
C PRO A 96 8.65 15.09 -0.43
N LEU A 97 7.57 14.51 0.09
CA LEU A 97 6.23 14.98 -0.26
C LEU A 97 5.53 15.56 0.96
N GLN A 98 5.16 16.83 0.88
CA GLN A 98 4.34 17.44 1.93
C GLN A 98 2.90 17.06 1.71
N GLN A 99 2.30 16.41 2.69
CA GLN A 99 0.97 15.85 2.54
C GLN A 99 -0.08 16.79 3.10
N VAL A 100 -0.68 17.58 2.21
CA VAL A 100 -1.63 18.62 2.59
C VAL A 100 -3.07 18.11 2.51
N ALA A 101 -3.85 18.35 3.57
CA ALA A 101 -5.23 17.85 3.58
C ALA A 101 -6.24 18.92 3.19
N SER A 102 -7.36 18.45 2.67
CA SER A 102 -8.50 19.31 2.36
CA SER A 102 -8.48 19.31 2.33
C SER A 102 -9.79 18.57 2.66
N GLY A 103 -10.66 19.20 3.45
CA GLY A 103 -11.92 18.59 3.80
C GLY A 103 -12.13 18.61 5.31
N ARG A 104 -12.87 17.62 5.79
N ARG A 104 -12.94 17.68 5.82
CA ARG A 104 -13.22 17.54 7.20
CA ARG A 104 -13.20 17.64 7.26
C ARG A 104 -12.34 16.53 7.92
C ARG A 104 -12.41 16.51 7.91
N ALA A 105 -12.40 16.51 9.25
CA ALA A 105 -11.48 15.64 10.02
C ALA A 105 -11.56 14.17 9.66
N GLY A 106 -12.76 13.67 9.40
CA GLY A 106 -12.96 12.26 9.13
C GLY A 106 -13.20 11.90 7.68
N VAL A 107 -13.24 12.92 6.81
CA VAL A 107 -13.48 12.73 5.38
C VAL A 107 -12.70 13.82 4.67
N PHE A 108 -11.54 13.48 4.14
CA PHE A 108 -10.71 14.48 3.51
C PHE A 108 -9.92 13.90 2.35
N THR A 109 -9.39 14.77 1.50
CA THR A 109 -8.44 14.31 0.51
C THR A 109 -7.07 14.85 0.88
N GLN A 110 -6.01 14.21 0.38
CA GLN A 110 -4.70 14.78 0.60
C GLN A 110 -3.98 14.86 -0.72
N TYR A 111 -3.23 15.95 -0.92
N TYR A 111 -3.20 15.92 -0.90
CA TYR A 111 -2.41 16.09 -2.11
CA TYR A 111 -2.40 16.04 -2.09
C TYR A 111 -0.96 16.32 -1.70
C TYR A 111 -0.96 16.25 -1.67
N HIS A 112 -0.05 16.00 -2.60
CA HIS A 112 1.37 16.05 -2.30
C HIS A 112 2.02 17.23 -2.96
N LYS A 113 2.70 18.01 -2.15
CA LYS A 113 3.51 19.13 -2.61
C LYS A 113 4.98 18.71 -2.56
N LYS A 114 5.68 18.81 -3.68
CA LYS A 114 7.08 18.39 -3.73
C LYS A 114 8.00 19.35 -2.98
N LYS A 115 8.91 18.81 -2.19
CA LYS A 115 9.88 19.61 -1.47
C LYS A 115 11.29 19.30 -1.97
N LYS A 116 12.22 20.16 -1.59
CA LYS A 116 13.61 19.95 -1.99
C LYS A 116 14.17 18.69 -1.35
N ALA A 117 15.12 18.08 -2.06
CA ALA A 117 15.72 16.82 -1.62
C ALA A 117 16.39 16.94 -0.25
N MET A 118 16.37 15.86 0.51
N MET A 118 16.30 15.87 0.53
CA MET A 118 17.08 15.83 1.78
CA MET A 118 16.97 15.77 1.83
C MET A 118 17.52 14.40 2.06
C MET A 118 17.56 14.39 2.00
N THR A 119 18.58 14.26 2.84
CA THR A 119 19.07 12.93 3.21
C THR A 119 18.15 12.34 4.27
N VAL A 120 18.25 11.04 4.48
CA VAL A 120 17.49 10.39 5.55
C VAL A 120 17.89 10.98 6.91
N GLY A 121 19.18 11.29 7.09
CA GLY A 121 19.62 11.96 8.30
C GLY A 121 18.93 13.29 8.54
N GLU A 122 18.80 14.09 7.49
CA GLU A 122 18.11 15.36 7.59
C GLU A 122 16.62 15.16 7.84
N TYR A 123 16.06 14.14 7.19
CA TYR A 123 14.64 13.85 7.35
C TYR A 123 14.30 13.39 8.78
N ARG A 124 15.17 12.56 9.35
CA ARG A 124 14.97 12.09 10.72
C ARG A 124 15.00 13.27 11.71
N HIS A 125 15.94 14.17 11.51
CA HIS A 125 16.03 15.38 12.34
C HIS A 125 14.76 16.22 12.23
N LEU A 126 14.23 16.33 11.02
CA LEU A 126 13.00 17.07 10.78
C LEU A 126 11.82 16.37 11.47
N ALA A 127 11.76 15.03 11.34
CA ALA A 127 10.69 14.26 11.98
C ALA A 127 10.67 14.45 13.49
N ASN A 128 11.86 14.60 14.07
CA ASN A 128 11.98 14.72 15.52
C ASN A 128 11.89 16.17 16.03
N SER A 129 11.74 17.12 15.11
CA SER A 129 11.65 18.55 15.49
C SER A 129 10.35 18.82 16.23
N LYS A 130 10.28 19.93 16.95
CA LYS A 130 9.08 20.24 17.71
C LYS A 130 7.83 20.35 16.83
N LYS A 131 8.02 20.87 15.62
CA LYS A 131 6.93 21.09 14.68
C LYS A 131 6.29 19.76 14.22
N TYR A 132 7.12 18.74 14.04
CA TYR A 132 6.67 17.52 13.39
C TYR A 132 6.58 16.27 14.27
N GLN A 133 7.16 16.32 15.47
N GLN A 133 7.16 16.32 15.46
CA GLN A 133 7.28 15.11 16.30
CA GLN A 133 7.33 15.12 16.29
C GLN A 133 5.95 14.62 16.85
C GLN A 133 6.02 14.64 16.93
N THR A 134 5.94 13.32 17.17
CA THR A 134 4.81 12.70 17.85
C THR A 134 4.51 13.39 19.18
N PRO A 135 3.22 13.70 19.42
CA PRO A 135 2.82 14.37 20.67
C PRO A 135 2.81 13.39 21.83
N PRO A 136 2.87 13.91 23.06
CA PRO A 136 2.68 13.04 24.22
C PRO A 136 1.37 12.26 24.08
N HIS A 137 1.37 11.01 24.51
CA HIS A 137 0.17 10.18 24.42
C HIS A 137 0.26 9.00 25.37
N GLN A 138 -0.90 8.44 25.73
CA GLN A 138 -0.97 7.35 26.70
C GLN A 138 -0.66 5.98 26.10
N ASN A 139 -1.17 5.75 24.90
CA ASN A 139 -1.05 4.44 24.26
C ASN A 139 -1.43 4.58 22.79
N PHE A 140 -1.45 3.46 22.06
CA PHE A 140 -1.77 3.51 20.62
C PHE A 140 -3.17 4.06 20.38
N GLU A 141 -4.11 3.73 21.25
CA GLU A 141 -5.49 4.17 21.10
C GLU A 141 -5.62 5.69 21.28
N ASP A 142 -4.88 6.23 22.24
CA ASP A 142 -4.85 7.66 22.48
C ASP A 142 -4.26 8.36 21.24
N LEU A 143 -3.20 7.77 20.70
CA LEU A 143 -2.53 8.39 19.56
C LEU A 143 -3.43 8.35 18.33
N GLU A 144 -4.15 7.25 18.17
CA GLU A 144 -5.11 7.10 17.07
C GLU A 144 -6.21 8.16 17.14
N ARG A 145 -6.71 8.40 18.35
N ARG A 145 -6.71 8.40 18.35
CA ARG A 145 -7.70 9.46 18.56
CA ARG A 145 -7.69 9.45 18.58
C ARG A 145 -7.15 10.82 18.13
C ARG A 145 -7.15 10.82 18.13
N LYS A 146 -5.92 11.10 18.53
CA LYS A 146 -5.30 12.38 18.22
C LYS A 146 -5.08 12.51 16.70
N TYR A 147 -4.71 11.40 16.07
CA TYR A 147 -4.50 11.41 14.61
C TYR A 147 -5.78 11.84 13.89
N TRP A 148 -6.90 11.17 14.17
CA TRP A 148 -8.10 11.46 13.42
C TRP A 148 -8.71 12.81 13.81
N LYS A 149 -8.44 13.25 15.03
CA LYS A 149 -8.93 14.55 15.47
CA LYS A 149 -8.93 14.55 15.47
C LYS A 149 -8.17 15.70 14.79
N ASN A 150 -6.86 15.53 14.63
CA ASN A 150 -5.99 16.64 14.26
C ASN A 150 -5.22 16.51 12.95
N ARG A 151 -5.30 15.36 12.28
CA ARG A 151 -4.51 15.16 11.06
C ARG A 151 -4.65 16.29 10.04
N ILE A 152 -5.87 16.76 9.82
CA ILE A 152 -6.05 17.70 8.71
C ILE A 152 -5.42 19.08 8.96
N TYR A 153 -5.09 19.38 10.22
CA TYR A 153 -4.52 20.69 10.55
C TYR A 153 -3.00 20.76 10.44
N ASN A 154 -2.40 19.68 9.97
CA ASN A 154 -0.96 19.65 9.77
C ASN A 154 -0.61 19.06 8.41
N SER A 155 0.63 19.26 7.98
CA SER A 155 1.06 18.74 6.69
CA SER A 155 1.07 18.75 6.68
C SER A 155 2.42 18.09 6.83
N PRO A 156 2.41 16.83 7.29
CA PRO A 156 3.68 16.10 7.50
C PRO A 156 4.34 15.82 6.16
N ILE A 157 5.64 15.55 6.22
CA ILE A 157 6.41 15.29 5.02
C ILE A 157 6.76 13.81 5.00
N TYR A 158 6.49 13.14 3.86
N TYR A 158 6.51 13.13 3.89
CA TYR A 158 6.68 11.68 3.68
CA TYR A 158 6.90 11.72 3.90
C TYR A 158 7.79 11.43 2.66
C TYR A 158 7.70 11.32 2.68
N GLY A 159 8.77 10.61 2.98
CA GLY A 159 9.73 10.16 1.99
C GLY A 159 9.25 8.84 1.43
N ALA A 160 8.33 8.90 0.48
CA ALA A 160 7.69 7.70 -0.03
C ALA A 160 8.17 7.32 -1.42
N ASP A 161 7.99 6.04 -1.74
CA ASP A 161 8.20 5.51 -3.08
C ASP A 161 9.64 5.70 -3.57
N ILE A 162 10.59 5.36 -2.71
CA ILE A 162 12.01 5.46 -3.04
C ILE A 162 12.51 4.08 -3.48
N SER A 163 12.87 3.93 -4.75
N SER A 163 12.89 3.96 -4.75
CA SER A 163 13.37 2.64 -5.25
CA SER A 163 13.42 2.71 -5.26
C SER A 163 14.64 2.24 -4.49
C SER A 163 14.65 2.28 -4.45
N GLY A 164 14.63 1.06 -3.90
CA GLY A 164 15.78 0.57 -3.15
C GLY A 164 15.41 -0.50 -2.14
N SER A 165 16.41 -1.00 -1.43
CA SER A 165 16.19 -2.04 -0.44
C SER A 165 17.13 -1.89 0.74
N LEU A 166 16.65 -2.22 1.93
CA LEU A 166 17.53 -2.27 3.11
C LEU A 166 17.80 -3.70 3.56
N PHE A 167 17.39 -4.70 2.78
CA PHE A 167 17.71 -6.07 3.13
C PHE A 167 19.15 -6.38 2.78
N ASP A 168 19.86 -7.03 3.71
CA ASP A 168 21.22 -7.49 3.45
C ASP A 168 21.15 -8.55 2.35
N GLU A 169 22.07 -8.51 1.38
CA GLU A 169 22.01 -9.47 0.29
C GLU A 169 22.14 -10.90 0.81
N ASN A 170 22.74 -11.08 1.99
CA ASN A 170 22.91 -12.41 2.57
C ASN A 170 21.70 -12.90 3.36
N THR A 171 20.69 -12.05 3.50
CA THR A 171 19.43 -12.48 4.11
C THR A 171 18.66 -13.28 3.07
N LYS A 172 18.48 -14.57 3.32
CA LYS A 172 17.92 -15.44 2.30
C LYS A 172 16.42 -15.65 2.44
N GLN A 173 15.88 -15.42 3.63
CA GLN A 173 14.45 -15.62 3.88
C GLN A 173 13.70 -14.30 3.89
N TRP A 174 12.58 -14.24 3.17
CA TRP A 174 11.67 -13.08 3.17
C TRP A 174 12.43 -11.79 2.89
N ASN A 175 13.37 -11.88 1.94
CA ASN A 175 14.12 -10.74 1.46
C ASN A 175 13.32 -10.11 0.33
N LEU A 176 12.76 -8.92 0.56
CA LEU A 176 11.81 -8.36 -0.40
C LEU A 176 12.46 -7.96 -1.73
N GLY A 177 13.78 -7.95 -1.76
CA GLY A 177 14.51 -7.69 -3.00
C GLY A 177 14.85 -8.95 -3.76
N HIS A 178 14.51 -10.11 -3.21
CA HIS A 178 14.81 -11.41 -3.84
C HIS A 178 13.58 -12.25 -4.12
N LEU A 179 12.40 -11.65 -4.14
CA LEU A 179 11.19 -12.41 -4.38
C LEU A 179 11.08 -12.78 -5.85
N GLY A 180 10.31 -13.84 -6.13
CA GLY A 180 9.97 -14.19 -7.50
C GLY A 180 9.15 -13.06 -8.08
N THR A 181 9.31 -12.81 -9.37
CA THR A 181 8.70 -11.63 -9.97
C THR A 181 7.28 -11.91 -10.45
N ILE A 182 6.48 -10.85 -10.54
CA ILE A 182 5.12 -10.94 -11.05
CA ILE A 182 5.12 -11.02 -11.01
C ILE A 182 5.11 -11.36 -12.51
N GLN A 183 6.11 -10.91 -13.25
CA GLN A 183 6.22 -11.27 -14.67
C GLN A 183 6.47 -12.78 -14.80
N ASP A 184 7.29 -13.34 -13.93
CA ASP A 184 7.54 -14.78 -13.98
C ASP A 184 6.32 -15.56 -13.51
N LEU A 185 5.58 -15.00 -12.57
CA LEU A 185 4.36 -15.65 -12.10
C LEU A 185 3.38 -15.76 -13.27
N LEU A 186 3.17 -14.66 -13.98
N LEU A 186 3.17 -14.66 -13.98
CA LEU A 186 2.28 -14.66 -15.14
CA LEU A 186 2.28 -14.64 -15.14
C LEU A 186 2.73 -15.64 -16.20
C LEU A 186 2.74 -15.65 -16.20
N GLU A 187 4.03 -15.71 -16.43
CA GLU A 187 4.58 -16.65 -17.39
C GLU A 187 4.34 -18.10 -16.98
N LYS A 188 4.58 -18.42 -15.70
CA LYS A 188 4.35 -19.76 -15.20
C LYS A 188 2.89 -20.16 -15.31
N GLU A 189 2.00 -19.22 -15.03
CA GLU A 189 0.58 -19.56 -14.98
C GLU A 189 -0.14 -19.52 -16.31
N CYS A 190 0.19 -18.56 -17.18
N CYS A 190 0.26 -18.56 -17.15
CA CYS A 190 -0.56 -18.48 -18.42
CA CYS A 190 -0.49 -18.26 -18.37
C CYS A 190 0.32 -18.51 -19.66
C CYS A 190 0.32 -18.50 -19.64
N GLY A 191 1.60 -18.82 -19.47
CA GLY A 191 2.48 -19.13 -20.58
C GLY A 191 2.92 -17.99 -21.49
N VAL A 192 2.75 -16.75 -21.05
CA VAL A 192 3.14 -15.63 -21.88
C VAL A 192 4.32 -14.91 -21.23
N VAL A 193 5.31 -14.57 -22.03
CA VAL A 193 6.48 -13.85 -21.56
C VAL A 193 6.23 -12.37 -21.76
N ILE A 194 6.50 -11.56 -20.74
CA ILE A 194 6.27 -10.11 -20.89
C ILE A 194 7.44 -9.31 -20.39
N GLU A 195 7.56 -8.09 -20.90
CA GLU A 195 8.55 -7.14 -20.41
C GLU A 195 8.16 -6.67 -19.01
N GLY A 196 9.08 -5.99 -18.33
CA GLY A 196 8.78 -5.43 -17.03
C GLY A 196 9.63 -5.98 -15.91
N VAL A 197 9.83 -5.16 -14.89
CA VAL A 197 10.53 -5.62 -13.71
C VAL A 197 9.76 -5.14 -12.51
N ASN A 198 10.21 -5.60 -11.34
N ASN A 198 10.03 -5.71 -11.34
CA ASN A 198 9.48 -5.53 -10.07
CA ASN A 198 9.46 -5.09 -10.16
C ASN A 198 10.48 -5.32 -8.92
C ASN A 198 10.44 -5.23 -9.03
N THR A 199 10.66 -4.09 -8.40
CA THR A 199 11.66 -3.91 -7.37
C THR A 199 11.01 -3.23 -6.17
N PRO A 200 11.65 -3.33 -4.99
CA PRO A 200 11.02 -2.75 -3.80
C PRO A 200 11.11 -1.24 -3.71
N TYR A 201 10.29 -0.67 -2.83
N TYR A 201 10.25 -0.68 -2.87
CA TYR A 201 10.34 0.76 -2.55
CA TYR A 201 10.23 0.75 -2.51
C TYR A 201 10.49 0.98 -1.05
C TYR A 201 10.60 0.90 -1.04
N LEU A 202 11.25 2.01 -0.71
CA LEU A 202 11.42 2.41 0.68
C LEU A 202 10.48 3.57 1.01
N TYR A 203 9.99 3.60 2.25
CA TYR A 203 9.11 4.66 2.76
C TYR A 203 9.67 5.19 4.06
N PHE A 204 10.08 6.45 4.08
CA PHE A 204 10.52 7.05 5.33
C PHE A 204 9.38 7.92 5.83
N GLY A 205 8.87 7.63 7.03
CA GLY A 205 7.67 8.27 7.52
C GLY A 205 7.94 9.11 8.77
N MET A 206 6.97 9.97 9.10
CA MET A 206 6.99 10.70 10.37
C MET A 206 5.56 10.74 10.92
N TRP A 207 5.39 11.28 12.12
CA TRP A 207 4.05 11.42 12.69
C TRP A 207 3.05 12.03 11.69
N LYS A 208 1.89 11.39 11.60
CA LYS A 208 0.74 11.80 10.77
C LYS A 208 0.92 11.54 9.28
N THR A 209 2.08 11.10 8.86
CA THR A 209 2.26 10.74 7.47
CA THR A 209 2.22 10.77 7.43
C THR A 209 1.22 9.65 7.14
N THR A 210 0.60 9.75 5.97
CA THR A 210 -0.65 9.02 5.72
C THR A 210 -0.67 8.27 4.39
N PHE A 211 -1.17 7.03 4.36
CA PHE A 211 -1.48 6.41 3.07
C PHE A 211 -2.99 6.32 2.90
N ALA A 212 -3.46 6.85 1.78
CA ALA A 212 -4.87 6.95 1.48
C ALA A 212 -5.47 5.57 1.16
N TRP A 213 -6.80 5.48 1.19
CA TRP A 213 -7.50 4.24 0.86
C TRP A 213 -7.18 3.77 -0.55
N HIS A 214 -6.70 2.55 -0.68
CA HIS A 214 -6.39 2.00 -1.99
C HIS A 214 -6.28 0.47 -1.97
N THR A 215 -6.38 -0.14 -3.15
CA THR A 215 -5.85 -1.48 -3.36
C THR A 215 -4.58 -1.32 -4.19
N GLU A 216 -3.83 -2.39 -4.35
CA GLU A 216 -2.58 -2.32 -5.12
C GLU A 216 -2.87 -2.19 -6.60
N ASP A 217 -1.88 -1.73 -7.37
CA ASP A 217 -1.95 -1.82 -8.83
C ASP A 217 -2.39 -3.20 -9.26
N MET A 218 -3.36 -3.26 -10.16
N MET A 218 -3.33 -3.28 -10.21
CA MET A 218 -3.85 -4.52 -10.71
CA MET A 218 -3.82 -4.57 -10.72
C MET A 218 -4.38 -5.45 -9.62
C MET A 218 -4.42 -5.46 -9.62
N ASP A 219 -4.73 -4.86 -8.47
CA ASP A 219 -5.18 -5.60 -7.27
C ASP A 219 -4.21 -6.72 -6.87
N LEU A 220 -2.93 -6.44 -7.01
CA LEU A 220 -1.87 -7.34 -6.56
C LEU A 220 -1.81 -7.47 -5.05
N TYR A 221 -1.04 -8.45 -4.57
CA TYR A 221 -0.67 -8.46 -3.15
C TYR A 221 0.36 -7.39 -2.91
N SER A 222 0.54 -7.02 -1.64
N SER A 222 0.53 -6.99 -1.65
CA SER A 222 1.70 -6.25 -1.25
CA SER A 222 1.75 -6.29 -1.29
C SER A 222 2.28 -6.81 0.04
C SER A 222 2.29 -6.92 -0.02
N ILE A 223 3.59 -6.75 0.19
CA ILE A 223 4.21 -7.12 1.44
C ILE A 223 5.06 -5.95 1.90
N ASN A 224 4.99 -5.67 3.19
CA ASN A 224 5.53 -4.46 3.78
C ASN A 224 6.30 -4.85 5.02
N TYR A 225 7.59 -4.52 5.06
CA TYR A 225 8.40 -4.78 6.25
C TYR A 225 8.74 -3.46 6.93
N LEU A 226 8.45 -3.36 8.22
CA LEU A 226 8.80 -2.15 8.96
C LEU A 226 10.21 -2.33 9.53
N HIS A 227 11.18 -1.69 8.88
CA HIS A 227 12.59 -1.91 9.19
C HIS A 227 12.99 -1.35 10.55
N LEU A 228 12.49 -0.16 10.85
N LEU A 228 12.49 -0.17 10.84
CA LEU A 228 13.05 0.64 11.95
CA LEU A 228 12.93 0.54 12.03
C LEU A 228 12.13 1.78 12.37
C LEU A 228 11.93 1.59 12.44
N GLY A 229 12.09 2.07 13.67
CA GLY A 229 11.35 3.23 14.14
C GLY A 229 9.99 2.98 14.74
N GLU A 230 9.15 4.00 14.66
CA GLU A 230 7.86 4.02 15.32
C GLU A 230 6.83 3.26 14.50
N PRO A 231 5.70 2.86 15.13
CA PRO A 231 4.74 2.00 14.43
C PRO A 231 3.98 2.61 13.26
N LYS A 232 3.29 1.74 12.54
N LYS A 232 3.25 1.74 12.58
CA LYS A 232 2.37 2.12 11.49
CA LYS A 232 2.38 2.08 11.46
C LYS A 232 1.03 1.47 11.75
C LYS A 232 1.02 1.45 11.73
N THR A 233 -0.03 2.26 11.82
CA THR A 233 -1.38 1.73 12.02
C THR A 233 -2.07 1.54 10.67
N TRP A 234 -2.72 0.40 10.50
CA TRP A 234 -3.38 0.02 9.26
C TRP A 234 -4.89 -0.13 9.48
N TYR A 235 -5.68 0.27 8.49
CA TYR A 235 -7.10 -0.05 8.40
C TYR A 235 -7.32 -0.86 7.13
N VAL A 236 -8.21 -1.84 7.17
CA VAL A 236 -8.40 -2.68 5.99
C VAL A 236 -9.85 -3.13 5.85
N VAL A 237 -10.35 -3.14 4.61
CA VAL A 237 -11.69 -3.67 4.32
C VAL A 237 -11.53 -5.06 3.69
N PRO A 238 -12.30 -6.06 4.17
CA PRO A 238 -12.23 -7.39 3.53
C PRO A 238 -12.50 -7.33 2.04
N PRO A 239 -11.74 -8.08 1.24
CA PRO A 239 -11.92 -8.02 -0.22
C PRO A 239 -13.36 -8.31 -0.65
N GLU A 240 -14.06 -9.18 0.06
CA GLU A 240 -15.42 -9.49 -0.34
C GLU A 240 -16.36 -8.31 -0.12
N HIS A 241 -15.90 -7.28 0.60
CA HIS A 241 -16.72 -6.11 0.83
C HIS A 241 -16.15 -4.83 0.24
N GLY A 242 -15.15 -4.98 -0.63
CA GLY A 242 -14.50 -3.82 -1.24
C GLY A 242 -15.47 -2.88 -1.91
N GLN A 243 -16.47 -3.41 -2.58
CA GLN A 243 -17.39 -2.57 -3.32
CA GLN A 243 -17.44 -2.60 -3.32
C GLN A 243 -18.25 -1.71 -2.38
N ARG A 244 -18.42 -2.15 -1.14
CA ARG A 244 -19.10 -1.31 -0.16
C ARG A 244 -18.31 -0.05 0.15
N LEU A 245 -16.99 -0.20 0.29
CA LEU A 245 -16.13 0.96 0.48
C LEU A 245 -16.20 1.89 -0.74
N GLU A 246 -16.18 1.31 -1.93
CA GLU A 246 -16.23 2.11 -3.15
C GLU A 246 -17.52 2.91 -3.23
N ARG A 247 -18.64 2.29 -2.87
CA ARG A 247 -19.92 2.99 -2.91
C ARG A 247 -19.94 4.16 -1.91
N LEU A 248 -19.45 3.94 -0.70
CA LEU A 248 -19.37 5.03 0.27
C LEU A 248 -18.46 6.14 -0.25
N ALA A 249 -17.32 5.76 -0.82
CA ALA A 249 -16.41 6.75 -1.36
C ALA A 249 -17.09 7.62 -2.42
N ARG A 250 -17.90 7.00 -3.29
N ARG A 250 -17.89 7.00 -3.29
CA ARG A 250 -18.59 7.76 -4.33
CA ARG A 250 -18.60 7.76 -4.33
C ARG A 250 -19.59 8.74 -3.74
C ARG A 250 -19.53 8.77 -3.70
N GLU A 251 -20.18 8.38 -2.61
CA GLU A 251 -21.11 9.26 -1.90
C GLU A 251 -20.38 10.40 -1.19
N LEU A 252 -19.23 10.09 -0.60
CA LEU A 252 -18.49 11.07 0.20
C LEU A 252 -17.65 12.03 -0.64
N PHE A 253 -17.28 11.59 -1.85
CA PHE A 253 -16.46 12.39 -2.76
C PHE A 253 -17.15 12.47 -4.12
N PRO A 254 -18.32 13.13 -4.16
CA PRO A 254 -19.19 13.00 -5.34
C PRO A 254 -18.59 13.58 -6.64
N GLY A 255 -17.91 14.71 -6.56
CA GLY A 255 -17.26 15.29 -7.73
C GLY A 255 -16.13 14.42 -8.26
N SER A 256 -15.32 13.87 -7.36
N SER A 256 -15.33 13.87 -7.36
CA SER A 256 -14.23 12.99 -7.76
CA SER A 256 -14.23 12.99 -7.74
C SER A 256 -14.78 11.77 -8.47
C SER A 256 -14.77 11.76 -8.46
N SER A 257 -15.89 11.26 -7.98
CA SER A 257 -16.53 10.10 -8.56
C SER A 257 -17.01 10.39 -9.98
N ARG A 258 -17.53 11.60 -10.21
CA ARG A 258 -17.95 11.97 -11.55
C ARG A 258 -16.77 12.08 -12.51
N GLY A 259 -15.62 12.50 -12.00
CA GLY A 259 -14.45 12.68 -12.83
C GLY A 259 -13.75 11.40 -13.27
N CYS A 260 -14.01 10.30 -12.57
CA CYS A 260 -13.29 9.07 -12.83
C CYS A 260 -14.04 7.86 -12.29
N GLY A 261 -14.08 6.80 -13.09
CA GLY A 261 -14.83 5.61 -12.71
C GLY A 261 -14.13 4.80 -11.64
N ALA A 262 -12.91 5.18 -11.30
CA ALA A 262 -12.15 4.48 -10.26
C ALA A 262 -11.20 5.43 -9.53
N PHE A 263 -11.74 6.49 -8.96
N PHE A 263 -11.75 6.49 -8.96
CA PHE A 263 -10.89 7.56 -8.45
CA PHE A 263 -10.92 7.57 -8.44
C PHE A 263 -10.06 7.14 -7.25
C PHE A 263 -10.10 7.18 -7.22
N LEU A 264 -10.43 6.05 -6.58
CA LEU A 264 -9.61 5.60 -5.45
C LEU A 264 -8.21 5.19 -5.94
N ARG A 265 -8.10 4.86 -7.23
CA ARG A 265 -6.79 4.66 -7.86
C ARG A 265 -5.88 5.87 -7.75
N HIS A 266 -6.45 7.07 -7.51
CA HIS A 266 -5.64 8.28 -7.36
C HIS A 266 -4.92 8.30 -6.02
N LYS A 267 -5.37 7.45 -5.11
CA LYS A 267 -4.80 7.34 -3.76
C LYS A 267 -4.73 8.67 -3.04
N VAL A 268 -5.87 9.33 -2.94
CA VAL A 268 -5.96 10.63 -2.28
C VAL A 268 -7.06 10.72 -1.24
N ALA A 269 -7.90 9.68 -1.11
CA ALA A 269 -9.07 9.80 -0.23
C ALA A 269 -8.85 9.16 1.14
N LEU A 270 -9.19 9.90 2.19
CA LEU A 270 -9.21 9.34 3.55
C LEU A 270 -10.60 9.38 4.16
N ILE A 271 -10.96 8.28 4.81
CA ILE A 271 -12.22 8.13 5.54
C ILE A 271 -11.90 7.51 6.91
N SER A 272 -12.36 8.12 7.99
CA SER A 272 -11.98 7.67 9.34
C SER A 272 -12.73 6.42 9.76
N PRO A 273 -12.21 5.69 10.76
CA PRO A 273 -12.95 4.54 11.26
C PRO A 273 -14.31 4.93 11.82
N THR A 274 -14.44 6.13 12.36
CA THR A 274 -15.73 6.57 12.88
C THR A 274 -16.74 6.68 11.75
N VAL A 275 -16.32 7.25 10.64
CA VAL A 275 -17.21 7.40 9.51
C VAL A 275 -17.52 6.05 8.88
N LEU A 276 -16.53 5.16 8.81
CA LEU A 276 -16.80 3.82 8.30
C LEU A 276 -17.86 3.12 9.15
N LYS A 277 -17.70 3.21 10.46
CA LYS A 277 -18.67 2.61 11.40
C LYS A 277 -20.07 3.20 11.22
N GLU A 278 -20.15 4.51 11.05
CA GLU A 278 -21.45 5.19 10.91
C GLU A 278 -22.16 4.73 9.67
N ASN A 279 -21.38 4.31 8.67
CA ASN A 279 -21.95 3.87 7.41
C ASN A 279 -21.96 2.36 7.22
N GLY A 280 -21.68 1.64 8.30
CA GLY A 280 -21.74 0.19 8.30
C GLY A 280 -20.79 -0.52 7.35
N ILE A 281 -19.64 0.08 7.09
CA ILE A 281 -18.62 -0.54 6.26
C ILE A 281 -17.78 -1.49 7.11
N PRO A 282 -17.73 -2.77 6.74
CA PRO A 282 -16.91 -3.67 7.56
C PRO A 282 -15.42 -3.39 7.38
N PHE A 283 -14.69 -3.32 8.48
CA PHE A 283 -13.25 -3.11 8.41
C PHE A 283 -12.57 -3.59 9.67
N ASN A 284 -11.25 -3.67 9.63
CA ASN A 284 -10.48 -4.01 10.81
C ASN A 284 -9.29 -3.09 10.88
N ARG A 285 -8.63 -3.06 12.04
CA ARG A 285 -7.44 -2.23 12.20
C ARG A 285 -6.39 -3.00 12.99
N ILE A 286 -5.13 -2.66 12.77
CA ILE A 286 -4.03 -3.29 13.49
C ILE A 286 -2.83 -2.37 13.42
N THR A 287 -1.96 -2.43 14.43
CA THR A 287 -0.75 -1.62 14.40
C THR A 287 0.47 -2.53 14.22
N GLN A 288 1.28 -2.18 13.23
CA GLN A 288 2.51 -2.89 12.86
C GLN A 288 3.67 -2.22 13.59
N GLU A 289 4.56 -3.01 14.20
CA GLU A 289 5.72 -2.45 14.86
C GLU A 289 7.00 -2.86 14.15
N ALA A 290 8.10 -2.19 14.47
CA ALA A 290 9.37 -2.48 13.81
C ALA A 290 9.71 -3.96 13.93
N GLY A 291 10.19 -4.53 12.83
CA GLY A 291 10.52 -5.94 12.79
C GLY A 291 9.41 -6.87 12.35
N GLU A 292 8.26 -6.30 11.97
CA GLU A 292 7.11 -7.13 11.58
C GLU A 292 6.76 -6.92 10.12
N PHE A 293 6.30 -7.99 9.48
CA PHE A 293 5.77 -7.94 8.11
C PHE A 293 4.26 -7.78 8.10
N MET A 294 3.75 -7.05 7.12
CA MET A 294 2.31 -7.09 6.83
C MET A 294 2.16 -7.53 5.38
N VAL A 295 1.13 -8.33 5.10
CA VAL A 295 0.82 -8.70 3.73
C VAL A 295 -0.60 -8.22 3.43
N THR A 296 -0.78 -7.48 2.34
CA THR A 296 -2.13 -7.18 1.89
C THR A 296 -2.48 -8.12 0.75
N PHE A 297 -3.75 -8.48 0.68
CA PHE A 297 -4.22 -9.51 -0.24
C PHE A 297 -4.97 -8.85 -1.38
N PRO A 298 -5.11 -9.54 -2.52
CA PRO A 298 -5.78 -8.92 -3.67
C PRO A 298 -7.13 -8.29 -3.35
N TYR A 299 -7.26 -7.03 -3.76
CA TYR A 299 -8.48 -6.24 -3.62
C TYR A 299 -8.82 -5.99 -2.13
N GLY A 300 -7.82 -6.02 -1.26
CA GLY A 300 -8.03 -5.61 0.11
C GLY A 300 -7.70 -4.12 0.26
N TYR A 301 -8.74 -3.28 0.33
CA TYR A 301 -8.53 -1.84 0.52
C TYR A 301 -7.87 -1.58 1.85
N HIS A 302 -6.84 -0.73 1.86
CA HIS A 302 -6.18 -0.37 3.10
C HIS A 302 -5.77 1.09 3.12
N ALA A 303 -5.60 1.61 4.34
CA ALA A 303 -5.19 2.99 4.59
C ALA A 303 -4.50 3.01 5.94
N GLY A 304 -3.80 4.07 6.26
CA GLY A 304 -3.21 4.13 7.59
C GLY A 304 -2.28 5.30 7.79
N PHE A 305 -1.54 5.27 8.89
CA PHE A 305 -0.67 6.40 9.22
C PHE A 305 0.52 5.95 10.06
N ASN A 306 1.55 6.76 10.06
CA ASN A 306 2.76 6.45 10.82
C ASN A 306 2.74 7.18 12.15
N HIS A 307 3.32 6.55 13.17
CA HIS A 307 3.28 7.10 14.52
C HIS A 307 4.39 8.11 14.80
N GLY A 308 5.45 8.05 13.99
CA GLY A 308 6.62 8.88 14.19
C GLY A 308 7.66 8.48 13.16
N PHE A 309 8.91 8.89 13.33
CA PHE A 309 9.94 8.53 12.35
C PHE A 309 10.02 7.03 12.18
N ASN A 310 9.92 6.56 10.94
CA ASN A 310 10.16 5.15 10.67
C ASN A 310 10.60 4.92 9.24
N CYS A 311 10.92 3.67 8.92
CA CYS A 311 11.31 3.28 7.58
C CYS A 311 10.72 1.93 7.28
N ALA A 312 9.92 1.87 6.22
CA ALA A 312 9.35 0.61 5.76
C ALA A 312 9.79 0.31 4.33
N GLU A 313 9.74 -0.97 3.97
CA GLU A 313 10.08 -1.41 2.62
C GLU A 313 8.94 -2.25 2.14
N ALA A 314 8.51 -2.04 0.89
CA ALA A 314 7.36 -2.78 0.39
C ALA A 314 7.51 -3.10 -1.08
N ILE A 315 6.84 -4.16 -1.51
CA ILE A 315 6.87 -4.56 -2.91
C ILE A 315 5.57 -5.30 -3.21
N ASN A 316 5.12 -5.21 -4.45
CA ASN A 316 3.98 -6.02 -4.88
C ASN A 316 4.44 -7.40 -5.29
N PHE A 317 3.57 -8.39 -5.12
CA PHE A 317 3.86 -9.72 -5.63
C PHE A 317 2.56 -10.40 -6.03
N ALA A 318 2.71 -11.54 -6.69
CA ALA A 318 1.56 -12.27 -7.20
C ALA A 318 1.61 -13.74 -6.83
N THR A 319 0.44 -14.39 -6.87
CA THR A 319 0.30 -15.84 -6.71
C THR A 319 -0.67 -16.32 -7.78
N PRO A 320 -0.80 -17.64 -7.95
CA PRO A 320 -1.82 -18.08 -8.93
C PRO A 320 -3.20 -17.55 -8.61
N ARG A 321 -3.55 -17.41 -7.34
CA ARG A 321 -4.90 -16.96 -6.98
C ARG A 321 -5.12 -15.49 -7.38
N TRP A 322 -4.04 -14.73 -7.53
CA TRP A 322 -4.18 -13.32 -7.91
C TRP A 322 -4.74 -13.12 -9.33
N ILE A 323 -4.44 -14.06 -10.22
N ILE A 323 -4.47 -14.04 -10.24
CA ILE A 323 -4.75 -13.92 -11.64
CA ILE A 323 -4.74 -13.74 -11.65
C ILE A 323 -6.18 -13.43 -11.89
C ILE A 323 -6.21 -13.41 -11.93
N ASP A 324 -7.13 -14.11 -11.27
CA ASP A 324 -8.55 -13.77 -11.45
C ASP A 324 -8.87 -12.35 -10.95
N TYR A 325 -8.15 -11.87 -9.96
CA TYR A 325 -8.32 -10.49 -9.51
C TYR A 325 -7.71 -9.51 -10.49
N GLY A 326 -6.51 -9.82 -10.96
CA GLY A 326 -5.84 -8.95 -11.92
C GLY A 326 -6.69 -8.72 -13.16
N LYS A 327 -7.35 -9.77 -13.61
N LYS A 327 -7.32 -9.77 -13.64
CA LYS A 327 -8.23 -9.69 -14.78
CA LYS A 327 -8.01 -9.68 -14.92
C LYS A 327 -9.38 -8.72 -14.56
C LYS A 327 -9.24 -8.79 -14.86
N MET A 328 -9.88 -8.67 -13.33
N MET A 328 -9.76 -8.55 -13.65
CA MET A 328 -11.07 -7.89 -13.04
CA MET A 328 -10.95 -7.71 -13.54
C MET A 328 -10.78 -6.55 -12.37
C MET A 328 -10.76 -6.46 -12.68
N ALA A 329 -9.51 -6.17 -12.31
CA ALA A 329 -9.16 -4.95 -11.59
C ALA A 329 -9.71 -3.69 -12.26
N SER A 330 -10.37 -2.83 -11.48
N SER A 330 -10.33 -2.82 -11.46
CA SER A 330 -10.93 -1.59 -12.02
CA SER A 330 -10.76 -1.52 -11.96
C SER A 330 -9.86 -0.51 -12.17
C SER A 330 -9.55 -0.71 -12.39
N GLN A 331 -9.83 0.14 -13.34
N GLN A 331 -9.76 0.17 -13.34
CA GLN A 331 -8.72 1.04 -13.68
CA GLN A 331 -8.70 1.09 -13.73
C GLN A 331 -9.09 2.52 -13.74
C GLN A 331 -9.23 2.51 -13.78
N CYS A 332 -8.08 3.38 -13.57
N CYS A 332 -8.36 3.43 -13.43
CA CYS A 332 -8.21 4.81 -13.79
CA CYS A 332 -8.63 4.85 -13.60
C CYS A 332 -7.86 5.19 -15.22
C CYS A 332 -9.05 5.12 -15.04
N SER A 333 -8.83 5.69 -15.97
N SER A 333 -10.05 5.98 -15.22
CA SER A 333 -8.59 6.12 -17.34
CA SER A 333 -10.55 6.28 -16.55
C SER A 333 -8.83 7.63 -17.50
C SER A 333 -10.30 7.73 -16.96
N CYS A 334 -9.18 8.30 -16.41
N CYS A 334 -9.50 8.45 -16.18
CA CYS A 334 -9.26 9.76 -16.41
CA CYS A 334 -9.29 9.88 -16.42
C CYS A 334 -7.85 10.30 -16.59
C CYS A 334 -7.84 10.30 -16.65
N GLY A 335 -6.87 9.44 -16.34
CA GLY A 335 -5.49 9.74 -16.59
C GLY A 335 -4.70 10.27 -15.42
N GLU A 336 -5.37 10.46 -14.28
N GLU A 336 -5.38 10.44 -14.29
CA GLU A 336 -4.71 10.97 -13.09
CA GLU A 336 -4.75 10.97 -13.08
C GLU A 336 -3.75 9.96 -12.46
C GLU A 336 -3.79 9.97 -12.43
N ALA A 337 -4.20 8.71 -12.35
CA ALA A 337 -3.42 7.71 -11.61
C ALA A 337 -2.12 7.37 -12.30
N ARG A 338 -1.08 7.18 -11.50
CA ARG A 338 0.23 6.83 -12.02
C ARG A 338 0.20 5.40 -12.53
N VAL A 339 0.78 5.20 -13.71
CA VAL A 339 0.90 3.86 -14.27
C VAL A 339 2.37 3.53 -14.49
N THR A 340 2.86 2.54 -13.76
CA THR A 340 4.24 2.13 -13.92
C THR A 340 4.45 1.44 -15.26
N PHE A 341 5.70 1.36 -15.66
CA PHE A 341 6.07 0.72 -16.90
C PHE A 341 5.61 -0.74 -16.92
N SER A 342 5.76 -1.41 -15.80
CA SER A 342 5.42 -2.83 -15.74
C SER A 342 3.92 -3.06 -15.76
N MET A 343 3.15 -2.09 -15.31
CA MET A 343 1.71 -2.27 -15.27
C MET A 343 1.14 -2.38 -16.68
N ASP A 344 1.78 -1.73 -17.65
N ASP A 344 1.79 -1.73 -17.64
CA ASP A 344 1.35 -1.77 -19.04
CA ASP A 344 1.31 -1.75 -19.02
C ASP A 344 1.09 -3.19 -19.51
C ASP A 344 1.12 -3.16 -19.55
N ALA A 345 2.10 -4.03 -19.33
CA ALA A 345 2.01 -5.41 -19.80
C ALA A 345 0.91 -6.15 -19.09
N PHE A 346 0.70 -5.85 -17.82
N PHE A 346 0.66 -5.86 -17.82
CA PHE A 346 -0.36 -6.52 -17.04
CA PHE A 346 -0.38 -6.62 -17.13
C PHE A 346 -1.72 -6.23 -17.68
C PHE A 346 -1.77 -6.23 -17.63
N VAL A 347 -1.97 -4.96 -17.97
CA VAL A 347 -3.26 -4.55 -18.52
C VAL A 347 -3.40 -5.13 -19.93
N ARG A 348 -2.31 -5.07 -20.69
N ARG A 348 -2.32 -5.08 -20.70
CA ARG A 348 -2.31 -5.55 -22.07
CA ARG A 348 -2.35 -5.54 -22.08
C ARG A 348 -2.71 -7.03 -22.18
C ARG A 348 -2.69 -7.03 -22.19
N ILE A 349 -2.12 -7.86 -21.33
CA ILE A 349 -2.38 -9.30 -21.39
C ILE A 349 -3.67 -9.69 -20.65
N LEU A 350 -3.89 -9.15 -19.45
CA LEU A 350 -5.01 -9.61 -18.64
C LEU A 350 -6.31 -8.88 -18.94
N GLN A 351 -6.21 -7.65 -19.44
CA GLN A 351 -7.38 -6.82 -19.71
C GLN A 351 -7.34 -6.21 -21.11
N PRO A 352 -7.30 -7.05 -22.16
CA PRO A 352 -7.11 -6.50 -23.50
C PRO A 352 -8.17 -5.49 -23.93
N GLU A 353 -9.43 -5.67 -23.53
CA GLU A 353 -10.44 -4.69 -23.90
C GLU A 353 -10.13 -3.33 -23.26
N ARG A 354 -9.80 -3.34 -21.98
CA ARG A 354 -9.49 -2.09 -21.27
C ARG A 354 -8.25 -1.42 -21.86
N TYR A 355 -7.33 -2.22 -22.39
N TYR A 355 -7.31 -2.24 -22.32
CA TYR A 355 -6.00 -1.72 -22.78
CA TYR A 355 -6.06 -1.75 -22.88
C TYR A 355 -5.99 -0.45 -23.65
C TYR A 355 -6.30 -1.05 -24.21
N ASP A 356 -6.94 -0.31 -24.57
N ASP A 356 -7.10 -1.67 -25.06
CA ASP A 356 -6.94 0.84 -25.47
CA ASP A 356 -7.45 -1.09 -26.36
C ASP A 356 -7.20 2.17 -24.75
C ASP A 356 -8.16 0.25 -26.17
N LEU A 357 -8.39 2.30 -24.17
N LEU A 357 -9.09 0.30 -25.22
CA LEU A 357 -8.76 3.50 -23.42
CA LEU A 357 -9.83 1.53 -24.94
C LEU A 357 -7.76 3.79 -22.31
C LEU A 357 -8.92 2.61 -24.39
N TRP A 358 -7.24 2.72 -21.72
N TRP A 358 -8.02 2.21 -23.49
CA TRP A 358 -6.31 2.82 -20.61
CA TRP A 358 -7.05 3.11 -22.89
C TRP A 358 -4.97 3.42 -21.02
C TRP A 358 -6.17 3.79 -23.94
N LYS A 359 -4.44 2.97 -22.16
N LYS A 359 -5.64 2.99 -24.86
CA LYS A 359 -3.14 3.42 -22.64
CA LYS A 359 -4.77 3.52 -25.91
C LYS A 359 -3.13 4.93 -22.91
C LYS A 359 -5.56 4.35 -26.92
N ARG A 360 -4.29 5.48 -23.26
N ARG A 360 -6.80 3.95 -27.19
CA ARG A 360 -4.42 6.91 -23.48
CA ARG A 360 -7.69 4.71 -28.06
C ARG A 360 -4.24 7.68 -22.17
C ARG A 360 -8.00 6.09 -27.49
N GLY A 361 -4.62 7.06 -21.07
N GLY A 361 -8.35 6.13 -26.20
CA GLY A 361 -4.55 7.70 -19.76
CA GLY A 361 -8.73 7.37 -25.55
C GLY A 361 -3.14 7.97 -19.31
C GLY A 361 -7.57 8.07 -24.88
N GLN A 362 -2.18 7.22 -19.85
CA GLN A 362 -0.79 7.35 -19.47
C GLN A 362 0.00 7.94 -20.65
N ASP A 363 -0.68 8.08 -21.78
CA ASP A 363 -0.08 8.66 -22.97
C ASP A 363 -0.96 9.74 -23.59
ZN ZN B . -8.81 8.62 -12.60
NI NI C . -0.69 -0.62 -0.37
C1 OGA D . 1.55 -1.26 1.20
C2 OGA D . 1.25 0.15 1.46
C4 OGA D . 1.91 2.30 2.28
C5 OGA D . 2.84 2.94 3.30
O1 OGA D . 0.75 -1.89 0.50
O2 OGA D . 2.59 -1.75 1.71
O2' OGA D . 0.20 0.63 1.05
O3 OGA D . 2.95 4.19 3.30
N1 OGA D . 2.12 0.86 2.14
O4 OGA D . 3.47 2.18 4.07
C1 EDO E . 12.26 -15.50 -0.91
O1 EDO E . 12.98 -16.75 -0.80
C2 EDO E . 13.28 -14.37 -0.97
O2 EDO E . 13.96 -14.29 0.29
C1 EDO F . -14.28 4.42 15.90
O1 EDO F . -14.11 3.03 15.55
C2 EDO F . -13.17 4.82 16.86
O2 EDO F . -11.92 4.60 16.22
C1 EDO G . -11.78 1.43 -7.40
O1 EDO G . -12.91 1.07 -8.20
C2 EDO G . -11.50 2.92 -7.37
O2 EDO G . -12.65 3.71 -6.99
C1 EDO H . 25.15 7.09 7.98
O1 EDO H . 24.29 6.88 9.11
C2 EDO H . 26.31 8.00 8.37
O2 EDO H . 26.22 9.22 7.62
C1 EDO I . -5.47 0.71 16.35
O1 EDO I . -4.51 -0.28 15.98
C2 EDO I . -4.85 1.64 17.38
O2 EDO I . -3.87 0.89 18.10
C1 EDO J . 14.97 -8.08 12.11
O1 EDO J . 14.51 -8.61 13.36
C2 EDO J . 16.19 -7.21 12.31
O2 EDO J . 16.55 -6.56 11.08
C1 EDO K . 3.58 -1.50 -2.14
O1 EDO K . 3.40 -0.29 -1.39
C2 EDO K . 4.77 -1.33 -3.07
O2 EDO K . 4.37 -0.54 -4.19
C1 EDO L . -5.06 -16.83 -20.52
O1 EDO L . -4.36 -17.97 -20.01
C2 EDO L . -5.38 -15.89 -19.36
O2 EDO L . -6.24 -16.55 -18.44
S SO4 M . 18.17 13.59 15.43
O1 SO4 M . 16.81 13.85 15.92
O2 SO4 M . 19.06 13.40 16.56
O3 SO4 M . 18.62 14.74 14.65
O4 SO4 M . 18.17 12.39 14.59
S SO4 N . -6.14 16.27 22.36
O1 SO4 N . -7.57 16.37 22.07
O2 SO4 N . -5.82 17.13 23.49
O3 SO4 N . -5.37 16.69 21.20
O4 SO4 N . -5.82 14.89 22.70
S SO4 O . -1.37 16.44 17.55
O1 SO4 O . -2.21 15.24 17.58
O2 SO4 O . -1.18 16.93 18.91
O3 SO4 O . -2.04 17.46 16.75
O4 SO4 O . -0.07 16.15 16.96
C1 ISN P . -6.64 2.96 -17.86
C2 ISN P . -6.80 1.61 -18.10
C3 ISN P . -6.00 0.69 -17.43
C4 ISN P . -5.06 1.15 -16.51
C5 ISN P . -4.91 2.50 -16.27
N1 ISN P . -5.72 4.83 -16.85
C6 ISN P . -5.70 3.42 -16.93
C7 ISN P . -7.32 4.14 -18.41
C10 ISN P . -6.66 5.34 -17.67
O8 ISN P . -8.20 4.16 -19.23
O11 ISN P . -6.94 6.52 -17.82
C1 ISN Q . -5.41 -16.92 -17.33
C2 ISN Q . -5.87 -17.84 -16.40
C3 ISN Q . -6.84 -17.46 -15.48
C4 ISN Q . -7.36 -16.17 -15.53
C5 ISN Q . -6.90 -15.26 -16.46
N1 ISN Q . -5.31 -14.87 -18.39
C6 ISN Q . -5.93 -15.63 -17.37
C7 ISN Q . -4.41 -17.02 -18.38
C10 ISN Q . -4.39 -15.61 -19.04
O8 ISN Q . -3.75 -17.98 -18.69
O11 ISN Q . -3.68 -15.23 -19.96
#